data_4YJ1
#
_entry.id   4YJ1
#
_cell.length_a   215.433
_cell.length_b   215.433
_cell.length_c   100.147
_cell.angle_alpha   90.000
_cell.angle_beta   90.000
_cell.angle_gamma   90.000
#
_symmetry.space_group_name_H-M   'I 4 2 2'
#
loop_
_entity.id
_entity.type
_entity.pdbx_description
1 polymer 'Uncharacterized protein'
2 non-polymer "ADENOSINE-5'-DIPHOSPHATE"
3 non-polymer 'MAGNESIUM ION'
4 water water
#
_entity_poly.entity_id   1
_entity_poly.type   'polypeptide(L)'
_entity_poly.pdbx_seq_one_letter_code
;GFSPLMDFFHSVEGRNYGELRSLTNETYQISENVRCTFLSIQSDPFAPGSQVRLVCPCTFSLEKVLQTTDLAAANPCRRV
AAEDFILRSFHAGYRNGIPRRTSGAVQVLRPSQHVLERSTVGLVKAHQQKSGMQAEIEIFARVKLPGHGRRIDGHGAIDI
FYNELVPLLEQCVVGLNEEDLHQHVICVHDQEVLRSNLLGAGYVAFVANGAILPRDAGNSDKPLRDNAVPFQSPKSLECS
FTLPHSGKTITGMGLPPGLTLIAGGGFHGKSTLLRALEVGIYNHVPDDGRTYVVVDPTAVKIRAEDRRSVHGVDISPFIN
NLPFGKTTNFFVTADASGSTSQAANIMEALELGSQLLLLDEDTCATNLMYRDALMQMLVPRAQEPITPFVERVADLSQNH
GVSSIMVIGGSGQYFPQARVVLVMNAYQISDCTKEAKEIASNSSLPALNPPGDTASVFIPDVNRCFDPDGSFTTVRRRGR
EGTKVSGIGTESIRFSEETIDLSMVEQIVEEGQVNAIAQCLALLYDGEPRIVPEMTTKGGALTQLPSPGGVCEIQRGKFN
SNFSSMIAGCCSHQHDKRLELRTPSCYLPRGFTSATRHIEIGAALNRLRTLRTVT
;
_entity_poly.pdbx_strand_id   A
#
loop_
_chem_comp.id
_chem_comp.type
_chem_comp.name
_chem_comp.formula
ADP non-polymer ADENOSINE-5'-DIPHOSPHATE 'C10 H15 N5 O10 P2'
MG non-polymer 'MAGNESIUM ION' 'Mg 2'
#
# COMPACT_ATOMS: atom_id res chain seq x y z
N GLY A 1 -42.75 5.60 -10.54
CA GLY A 1 -42.17 6.83 -10.04
C GLY A 1 -40.65 6.90 -10.18
N PHE A 2 -40.09 6.45 -11.30
CA PHE A 2 -38.64 6.62 -11.50
C PHE A 2 -38.33 7.65 -12.58
N SER A 3 -39.33 8.37 -13.11
CA SER A 3 -39.04 9.21 -14.28
C SER A 3 -38.57 10.65 -13.96
N PRO A 4 -38.68 11.10 -12.70
CA PRO A 4 -38.26 12.51 -12.51
C PRO A 4 -36.88 12.86 -13.05
N LEU A 5 -35.87 11.99 -12.96
CA LEU A 5 -34.57 12.41 -13.48
C LEU A 5 -34.65 12.49 -14.99
N MET A 6 -35.30 11.52 -15.62
CA MET A 6 -35.46 11.60 -17.07
C MET A 6 -36.24 12.89 -17.44
N ASP A 7 -37.27 13.21 -16.67
CA ASP A 7 -38.13 14.38 -16.97
C ASP A 7 -37.27 15.61 -16.84
N PHE A 8 -36.40 15.65 -15.83
CA PHE A 8 -35.45 16.77 -15.75
C PHE A 8 -34.61 16.89 -17.02
N PHE A 9 -33.94 15.82 -17.44
CA PHE A 9 -33.06 15.95 -18.58
C PHE A 9 -33.83 16.29 -19.85
N HIS A 10 -35.06 15.80 -19.94
CA HIS A 10 -35.89 16.15 -21.11
C HIS A 10 -36.13 17.67 -21.07
N SER A 11 -36.51 18.19 -19.91
CA SER A 11 -36.74 19.64 -19.76
C SER A 11 -35.53 20.50 -20.12
N VAL A 12 -34.28 20.04 -19.92
CA VAL A 12 -33.14 20.90 -20.28
C VAL A 12 -32.40 20.52 -21.57
N GLU A 13 -32.96 19.60 -22.32
CA GLU A 13 -32.40 19.22 -23.61
C GLU A 13 -32.14 20.47 -24.41
N GLY A 14 -30.95 20.60 -24.94
CA GLY A 14 -30.60 21.75 -25.76
C GLY A 14 -30.37 23.07 -25.02
N ARG A 15 -30.61 23.14 -23.73
CA ARG A 15 -30.36 24.41 -23.02
C ARG A 15 -28.89 24.61 -22.65
N ASN A 16 -28.57 25.80 -22.16
CA ASN A 16 -27.20 26.10 -21.78
C ASN A 16 -26.64 25.12 -20.68
N TYR A 17 -25.45 24.60 -20.90
CA TYR A 17 -24.86 23.54 -20.01
C TYR A 17 -24.78 23.99 -18.54
N GLY A 18 -24.49 25.26 -18.33
CA GLY A 18 -24.59 25.86 -17.00
C GLY A 18 -25.82 25.50 -16.22
N GLU A 19 -26.98 25.29 -16.87
CA GLU A 19 -28.21 24.97 -16.10
C GLU A 19 -28.22 23.60 -15.38
N LEU A 20 -27.28 22.71 -15.72
CA LEU A 20 -27.12 21.46 -14.94
C LEU A 20 -26.90 21.70 -13.43
N ARG A 21 -26.41 22.88 -13.07
CA ARG A 21 -26.06 23.17 -11.65
C ARG A 21 -27.26 22.90 -10.78
N SER A 22 -28.46 22.99 -11.32
CA SER A 22 -29.64 22.79 -10.45
C SER A 22 -29.76 21.35 -9.89
N LEU A 23 -29.07 20.39 -10.51
CA LEU A 23 -28.98 19.01 -9.95
C LEU A 23 -28.19 18.93 -8.63
N THR A 24 -27.34 19.93 -8.35
CA THR A 24 -26.46 19.84 -7.15
C THR A 24 -27.23 19.52 -5.89
N ASN A 25 -26.79 18.49 -5.18
CA ASN A 25 -27.43 18.01 -3.97
C ASN A 25 -28.81 17.44 -4.06
N GLU A 26 -29.30 17.17 -5.27
CA GLU A 26 -30.58 16.49 -5.39
C GLU A 26 -30.40 14.99 -5.55
N THR A 27 -31.35 14.27 -5.00
CA THR A 27 -31.39 12.84 -5.08
C THR A 27 -32.58 12.35 -5.93
N TYR A 28 -32.34 11.40 -6.83
CA TYR A 28 -33.37 10.81 -7.73
C TYR A 28 -33.48 9.31 -7.55
N GLN A 29 -34.70 8.81 -7.48
CA GLN A 29 -34.97 7.36 -7.48
C GLN A 29 -35.08 6.96 -8.94
N ILE A 30 -34.04 6.36 -9.49
CA ILE A 30 -34.02 6.03 -10.91
C ILE A 30 -34.37 4.59 -11.27
N SER A 31 -34.58 3.75 -10.26
CA SER A 31 -35.22 2.47 -10.45
C SER A 31 -35.62 2.00 -9.08
N GLU A 32 -36.24 0.86 -9.03
CA GLU A 32 -36.81 0.37 -7.79
C GLU A 32 -35.76 0.32 -6.68
N ASN A 33 -34.55 -0.15 -7.02
CA ASN A 33 -33.48 -0.31 -6.03
C ASN A 33 -32.25 0.63 -6.18
N VAL A 34 -32.39 1.75 -6.91
CA VAL A 34 -31.24 2.62 -7.16
C VAL A 34 -31.64 4.08 -6.97
N ARG A 35 -30.94 4.77 -6.08
CA ARG A 35 -31.03 6.23 -5.95
C ARG A 35 -29.69 6.83 -6.39
N CYS A 36 -29.71 8.07 -6.85
CA CYS A 36 -28.52 8.73 -7.30
C CYS A 36 -28.55 10.14 -6.77
N THR A 37 -27.52 10.55 -6.02
CA THR A 37 -27.40 11.94 -5.57
C THR A 37 -26.28 12.63 -6.33
N PHE A 38 -26.54 13.83 -6.87
CA PHE A 38 -25.49 14.57 -7.53
C PHE A 38 -24.75 15.37 -6.45
N LEU A 39 -23.47 15.04 -6.23
CA LEU A 39 -22.61 15.74 -5.23
C LEU A 39 -21.96 16.93 -5.87
N SER A 40 -21.65 16.85 -7.15
CA SER A 40 -21.15 18.08 -7.80
C SER A 40 -21.42 18.00 -9.29
N ILE A 41 -21.49 19.14 -9.95
CA ILE A 41 -21.83 19.20 -11.35
C ILE A 41 -20.70 19.88 -12.08
N GLN A 42 -20.24 19.23 -13.12
CA GLN A 42 -19.24 19.79 -14.04
C GLN A 42 -19.66 21.18 -14.52
N SER A 43 -18.67 22.06 -14.70
CA SER A 43 -18.95 23.44 -15.15
C SER A 43 -19.06 23.42 -16.67
N ASP A 44 -18.42 22.47 -17.32
CA ASP A 44 -18.65 22.31 -18.74
C ASP A 44 -18.32 20.88 -19.13
N PRO A 45 -18.72 20.47 -20.36
CA PRO A 45 -18.61 19.05 -20.74
C PRO A 45 -17.18 18.55 -20.82
N PHE A 46 -16.22 19.45 -20.93
CA PHE A 46 -14.82 19.05 -20.95
C PHE A 46 -14.18 18.94 -19.57
N ALA A 47 -14.84 19.42 -18.53
CA ALA A 47 -14.32 19.26 -17.17
C ALA A 47 -14.40 17.80 -16.73
N PRO A 48 -13.69 17.48 -15.66
CA PRO A 48 -13.77 16.11 -15.13
C PRO A 48 -15.23 15.82 -14.66
N GLY A 49 -15.66 14.59 -14.77
CA GLY A 49 -17.04 14.19 -14.53
C GLY A 49 -17.66 14.70 -13.26
N SER A 50 -18.97 14.88 -13.31
CA SER A 50 -19.76 15.25 -12.15
C SER A 50 -19.76 14.11 -11.15
N GLN A 51 -19.70 14.41 -9.85
CA GLN A 51 -19.57 13.31 -8.90
C GLN A 51 -20.94 12.92 -8.44
N VAL A 52 -21.20 11.61 -8.34
CA VAL A 52 -22.47 11.16 -7.85
C VAL A 52 -22.27 10.11 -6.79
N ARG A 53 -23.26 10.00 -5.92
CA ARG A 53 -23.34 8.91 -4.99
C ARG A 53 -24.54 8.06 -5.34
N LEU A 54 -24.27 6.79 -5.63
CA LEU A 54 -25.30 5.84 -6.01
C LEU A 54 -25.56 4.94 -4.82
N VAL A 55 -26.82 4.71 -4.51
CA VAL A 55 -27.19 3.92 -3.35
C VAL A 55 -28.21 2.82 -3.67
N CYS A 56 -27.93 1.60 -3.19
CA CYS A 56 -28.76 0.41 -3.42
C CYS A 56 -29.02 -0.24 -2.06
N PRO A 57 -30.10 -1.01 -1.96
CA PRO A 57 -30.22 -1.72 -0.69
C PRO A 57 -29.19 -2.85 -0.56
N CYS A 58 -28.87 -3.16 0.68
CA CYS A 58 -28.04 -4.32 0.97
C CYS A 58 -28.96 -5.52 1.05
N THR A 59 -28.87 -6.45 0.12
CA THR A 59 -29.82 -7.56 0.09
C THR A 59 -29.27 -8.87 0.60
N PHE A 60 -28.03 -8.91 1.09
CA PHE A 60 -27.49 -10.18 1.63
C PHE A 60 -27.62 -10.18 3.15
N SER A 61 -27.47 -11.35 3.77
CA SER A 61 -27.66 -11.43 5.21
C SER A 61 -26.43 -10.94 5.95
N LEU A 62 -26.61 -9.97 6.82
CA LEU A 62 -25.50 -9.43 7.56
C LEU A 62 -25.03 -10.50 8.55
N GLU A 63 -25.96 -11.31 9.01
CA GLU A 63 -25.65 -12.25 10.06
C GLU A 63 -24.78 -13.34 9.47
N LYS A 64 -25.14 -13.82 8.29
CA LYS A 64 -24.36 -14.85 7.61
C LYS A 64 -22.99 -14.33 7.13
N VAL A 65 -22.92 -13.07 6.69
CA VAL A 65 -21.74 -12.61 5.97
C VAL A 65 -20.76 -11.90 6.92
N LEU A 66 -21.30 -11.10 7.81
CA LEU A 66 -20.55 -10.33 8.79
C LEU A 66 -20.66 -10.88 10.22
N GLN A 67 -21.40 -11.96 10.41
CA GLN A 67 -21.57 -12.53 11.78
C GLN A 67 -22.14 -11.52 12.80
N THR A 68 -23.00 -10.61 12.35
CA THR A 68 -23.71 -9.78 13.30
C THR A 68 -24.96 -9.24 12.62
N THR A 69 -25.96 -8.83 13.40
CA THR A 69 -27.16 -8.26 12.77
C THR A 69 -27.01 -6.76 12.79
N ASP A 70 -26.13 -6.27 13.66
CA ASP A 70 -25.90 -4.86 13.79
C ASP A 70 -24.65 -4.44 13.00
N LEU A 71 -24.88 -3.71 11.91
CA LEU A 71 -23.80 -3.22 11.03
C LEU A 71 -22.64 -2.58 11.80
N ALA A 72 -22.95 -1.71 12.76
CA ALA A 72 -21.93 -0.96 13.49
C ALA A 72 -21.04 -1.87 14.35
N ALA A 73 -21.48 -3.10 14.58
CA ALA A 73 -20.69 -3.98 15.43
C ALA A 73 -19.81 -4.91 14.56
N ALA A 74 -19.99 -4.85 13.24
CA ALA A 74 -19.32 -5.80 12.35
C ALA A 74 -17.80 -5.65 12.44
N ASN A 75 -17.10 -6.78 12.32
CA ASN A 75 -15.64 -6.75 12.20
C ASN A 75 -15.18 -5.89 10.99
N PRO A 76 -14.34 -4.86 11.20
CA PRO A 76 -14.02 -4.03 10.02
C PRO A 76 -13.33 -4.83 8.93
N CYS A 77 -12.60 -5.89 9.26
CA CYS A 77 -11.94 -6.66 8.21
C CYS A 77 -12.97 -7.28 7.25
N ARG A 78 -14.08 -7.80 7.79
CA ARG A 78 -15.14 -8.39 7.00
C ARG A 78 -15.94 -7.31 6.22
N ARG A 79 -16.17 -6.19 6.86
CA ARG A 79 -16.90 -5.10 6.20
C ARG A 79 -16.09 -4.61 4.99
N VAL A 80 -14.78 -4.40 5.19
CA VAL A 80 -13.90 -4.02 4.09
C VAL A 80 -13.88 -5.07 2.99
N ALA A 81 -13.87 -6.34 3.34
CA ALA A 81 -13.79 -7.35 2.33
C ALA A 81 -15.11 -7.33 1.50
N ALA A 82 -16.21 -7.11 2.19
CA ALA A 82 -17.53 -7.12 1.51
C ALA A 82 -17.62 -5.93 0.52
N GLU A 83 -17.13 -4.75 0.96
CA GLU A 83 -17.12 -3.59 0.08
C GLU A 83 -16.24 -3.88 -1.16
N ASP A 84 -15.11 -4.55 -0.93
CA ASP A 84 -14.18 -4.88 -2.01
C ASP A 84 -14.86 -5.88 -2.98
N PHE A 85 -15.55 -6.88 -2.47
CA PHE A 85 -16.29 -7.81 -3.35
C PHE A 85 -17.35 -7.04 -4.22
N ILE A 86 -18.10 -6.14 -3.60
CA ILE A 86 -19.16 -5.36 -4.31
C ILE A 86 -18.50 -4.57 -5.44
N LEU A 87 -17.41 -3.89 -5.13
CA LEU A 87 -16.67 -3.13 -6.13
C LEU A 87 -16.22 -4.00 -7.32
N ARG A 88 -15.59 -5.16 -7.04
CA ARG A 88 -15.27 -6.10 -8.10
C ARG A 88 -16.51 -6.56 -8.88
N SER A 89 -17.64 -6.77 -8.21
CA SER A 89 -18.84 -7.29 -8.93
C SER A 89 -19.39 -6.22 -9.88
N PHE A 90 -19.30 -4.97 -9.44
CA PHE A 90 -19.66 -3.83 -10.27
C PHE A 90 -18.83 -3.80 -11.55
N HIS A 91 -17.49 -3.84 -11.43
CA HIS A 91 -16.65 -3.78 -12.62
C HIS A 91 -16.83 -5.02 -13.50
N ALA A 92 -17.14 -6.17 -12.88
CA ALA A 92 -17.29 -7.40 -13.65
C ALA A 92 -18.53 -7.23 -14.57
N GLY A 93 -19.54 -6.52 -14.09
CA GLY A 93 -20.70 -6.19 -14.92
C GLY A 93 -20.32 -5.58 -16.26
N TYR A 94 -19.38 -4.64 -16.25
CA TYR A 94 -18.88 -4.06 -17.52
C TYR A 94 -18.22 -5.09 -18.39
N ARG A 95 -17.36 -5.91 -17.79
CA ARG A 95 -16.66 -6.89 -18.58
C ARG A 95 -17.64 -7.83 -19.19
N ASN A 96 -18.69 -8.19 -18.47
CA ASN A 96 -19.64 -9.14 -18.99
C ASN A 96 -20.79 -8.48 -19.81
N GLY A 97 -20.62 -7.24 -20.27
CA GLY A 97 -21.66 -6.58 -21.06
C GLY A 97 -23.05 -6.51 -20.41
N ILE A 98 -23.13 -6.19 -19.14
CA ILE A 98 -24.43 -6.08 -18.48
C ILE A 98 -25.16 -4.76 -18.87
N PRO A 99 -24.46 -3.62 -18.98
CA PRO A 99 -25.18 -2.39 -19.37
C PRO A 99 -25.78 -2.53 -20.78
N ARG A 100 -26.92 -1.90 -21.01
CA ARG A 100 -27.52 -1.92 -22.33
C ARG A 100 -26.62 -1.18 -23.30
N ARG A 101 -26.04 -0.07 -22.86
CA ARG A 101 -24.92 0.49 -23.60
C ARG A 101 -23.82 1.01 -22.66
N THR A 102 -22.57 0.91 -23.10
CA THR A 102 -21.46 1.42 -22.31
C THR A 102 -21.02 2.74 -22.93
N SER A 103 -21.36 3.82 -22.25
CA SER A 103 -21.11 5.16 -22.78
C SER A 103 -19.63 5.56 -22.78
N GLY A 104 -18.85 5.00 -21.85
CA GLY A 104 -17.50 5.50 -21.59
C GLY A 104 -17.53 6.76 -20.71
N ALA A 105 -18.71 7.15 -20.26
CA ALA A 105 -18.83 8.38 -19.45
C ALA A 105 -18.69 8.13 -17.92
N VAL A 106 -18.69 6.87 -17.50
CA VAL A 106 -18.76 6.55 -16.10
C VAL A 106 -17.34 6.14 -15.61
N GLN A 107 -16.89 6.75 -14.54
CA GLN A 107 -15.60 6.37 -13.98
C GLN A 107 -15.78 6.00 -12.51
N VAL A 108 -15.41 4.75 -12.17
CA VAL A 108 -15.42 4.27 -10.79
C VAL A 108 -14.00 3.65 -10.51
N LEU A 109 -13.39 3.99 -9.39
CA LEU A 109 -12.06 3.43 -9.06
C LEU A 109 -12.01 1.89 -9.31
N ARG A 110 -10.98 1.46 -10.03
CA ARG A 110 -10.74 0.04 -10.35
C ARG A 110 -9.74 -0.60 -9.37
N PRO A 111 -10.18 -1.59 -8.61
CA PRO A 111 -9.30 -2.17 -7.57
C PRO A 111 -8.13 -2.98 -8.20
N SER A 112 -7.02 -3.05 -7.49
CA SER A 112 -5.93 -3.94 -7.88
C SER A 112 -6.29 -5.42 -7.47
N GLN A 113 -5.31 -6.32 -7.48
CA GLN A 113 -5.47 -7.69 -6.94
C GLN A 113 -5.61 -7.70 -5.42
N HIS A 114 -5.33 -6.58 -4.79
CA HIS A 114 -5.32 -6.49 -3.33
C HIS A 114 -6.61 -5.99 -2.75
N VAL A 115 -6.89 -6.44 -1.55
CA VAL A 115 -8.12 -6.09 -0.87
C VAL A 115 -7.83 -4.99 0.14
N LEU A 116 -8.00 -3.74 -0.30
CA LEU A 116 -7.76 -2.55 0.54
C LEU A 116 -9.10 -1.92 0.96
N GLU A 117 -9.09 -1.22 2.10
CA GLU A 117 -10.18 -0.31 2.42
C GLU A 117 -10.11 0.89 1.45
N ARG A 118 -11.26 1.33 0.92
CA ARG A 118 -11.32 2.37 -0.11
C ARG A 118 -12.54 3.26 0.18
N SER A 119 -12.54 4.52 -0.27
CA SER A 119 -13.74 5.36 -0.02
C SER A 119 -14.79 5.09 -1.13
N THR A 120 -14.43 4.19 -2.09
CA THR A 120 -15.30 3.94 -3.29
C THR A 120 -16.66 3.34 -2.94
N VAL A 121 -16.63 2.34 -2.05
CA VAL A 121 -17.83 1.57 -1.72
C VAL A 121 -18.02 1.52 -0.23
N GLY A 122 -19.20 1.85 0.24
CA GLY A 122 -19.43 1.83 1.66
C GLY A 122 -20.65 1.00 1.99
N LEU A 123 -20.53 0.10 2.96
CA LEU A 123 -21.72 -0.55 3.51
C LEU A 123 -22.12 0.30 4.68
N VAL A 124 -23.30 0.94 4.62
CA VAL A 124 -23.66 1.96 5.64
C VAL A 124 -25.10 1.71 6.18
N LYS A 125 -25.47 2.38 7.26
CA LYS A 125 -26.79 2.23 7.85
C LYS A 125 -27.86 2.73 6.85
N ALA A 126 -29.00 2.08 6.78
CA ALA A 126 -30.01 2.49 5.79
C ALA A 126 -30.67 3.87 6.07
N HIS A 127 -30.91 4.64 4.99
CA HIS A 127 -31.74 5.87 5.01
C HIS A 127 -33.07 5.56 4.30
N GLN A 134 -30.50 -3.11 9.14
CA GLN A 134 -30.69 -2.81 7.72
C GLN A 134 -29.62 -1.86 7.21
N ALA A 135 -29.04 -2.26 6.09
CA ALA A 135 -27.93 -1.54 5.55
C ALA A 135 -28.20 -1.14 4.10
N GLU A 136 -27.45 -0.18 3.60
CA GLU A 136 -27.46 0.03 2.16
C GLU A 136 -26.01 0.13 1.71
N ILE A 137 -25.85 0.17 0.40
CA ILE A 137 -24.54 0.18 -0.23
C ILE A 137 -24.42 1.48 -1.00
N GLU A 138 -23.40 2.26 -0.71
CA GLU A 138 -23.12 3.46 -1.50
C GLU A 138 -21.92 3.19 -2.41
N ILE A 139 -22.00 3.70 -3.62
CA ILE A 139 -20.93 3.64 -4.57
C ILE A 139 -20.73 5.02 -5.14
N PHE A 140 -19.50 5.50 -5.08
CA PHE A 140 -19.19 6.84 -5.58
C PHE A 140 -18.61 6.74 -6.96
N ALA A 141 -19.05 7.64 -7.87
CA ALA A 141 -18.57 7.62 -9.23
C ALA A 141 -18.46 9.06 -9.78
N ARG A 142 -17.75 9.22 -10.88
CA ARG A 142 -17.79 10.46 -11.67
C ARG A 142 -18.47 10.09 -12.97
N VAL A 143 -19.33 10.98 -13.45
CA VAL A 143 -20.11 10.76 -14.68
C VAL A 143 -19.94 11.99 -15.59
N LYS A 144 -19.39 11.84 -16.79
CA LYS A 144 -19.27 12.97 -17.69
C LYS A 144 -20.64 13.24 -18.30
N LEU A 145 -21.31 14.28 -17.84
CA LEU A 145 -22.63 14.67 -18.43
C LEU A 145 -22.38 15.25 -19.81
N PRO A 146 -22.89 14.58 -20.87
CA PRO A 146 -22.58 14.97 -22.25
C PRO A 146 -23.27 16.32 -22.64
N GLY A 147 -22.61 16.99 -23.58
CA GLY A 147 -23.08 18.25 -24.11
C GLY A 147 -22.82 18.22 -25.61
N HIS A 148 -23.51 19.07 -26.36
CA HIS A 148 -23.20 19.35 -27.77
C HIS A 148 -22.70 20.79 -27.78
N GLY A 149 -21.42 21.00 -27.96
CA GLY A 149 -20.94 22.35 -27.76
C GLY A 149 -21.31 22.72 -26.33
N ARG A 150 -21.95 23.87 -26.13
CA ARG A 150 -22.31 24.35 -24.79
C ARG A 150 -23.79 24.09 -24.45
N ARG A 151 -24.43 23.20 -25.21
CA ARG A 151 -25.80 22.80 -24.95
C ARG A 151 -25.85 21.42 -24.31
N ILE A 152 -26.82 21.19 -23.43
CA ILE A 152 -26.99 19.95 -22.72
C ILE A 152 -27.51 18.85 -23.65
N ASP A 153 -26.80 17.74 -23.71
CA ASP A 153 -27.33 16.48 -24.31
C ASP A 153 -28.13 15.70 -23.27
N GLY A 154 -29.41 15.98 -23.16
CA GLY A 154 -30.26 15.39 -22.15
C GLY A 154 -30.52 13.89 -22.43
N HIS A 155 -30.75 13.56 -23.70
CA HIS A 155 -30.96 12.15 -24.11
C HIS A 155 -29.70 11.30 -23.80
N GLY A 156 -28.51 11.82 -24.11
CA GLY A 156 -27.26 11.16 -23.77
C GLY A 156 -27.15 10.88 -22.26
N ALA A 157 -27.45 11.87 -21.40
CA ALA A 157 -27.40 11.68 -19.96
C ALA A 157 -28.40 10.62 -19.49
N ILE A 158 -29.59 10.68 -20.03
CA ILE A 158 -30.64 9.73 -19.66
C ILE A 158 -30.18 8.32 -20.00
N ASP A 159 -29.51 8.18 -21.13
CA ASP A 159 -29.03 6.85 -21.53
C ASP A 159 -28.01 6.29 -20.48
N ILE A 160 -27.13 7.15 -19.97
CA ILE A 160 -26.13 6.73 -18.96
C ILE A 160 -26.79 6.26 -17.70
N PHE A 161 -27.68 7.06 -17.15
CA PHE A 161 -28.29 6.72 -15.90
C PHE A 161 -29.24 5.53 -16.01
N TYR A 162 -30.12 5.54 -17.02
CA TYR A 162 -31.17 4.56 -17.04
C TYR A 162 -30.82 3.26 -17.75
N ASN A 163 -29.94 3.35 -18.74
CA ASN A 163 -29.54 2.19 -19.55
C ASN A 163 -28.13 1.67 -19.28
N GLU A 164 -27.37 2.36 -18.44
CA GLU A 164 -26.05 1.85 -18.03
C GLU A 164 -25.98 1.60 -16.51
N LEU A 165 -26.09 2.65 -15.70
CA LEU A 165 -25.92 2.47 -14.25
C LEU A 165 -27.03 1.66 -13.65
N VAL A 166 -28.27 1.84 -14.09
CA VAL A 166 -29.36 1.09 -13.49
C VAL A 166 -29.21 -0.45 -13.69
N PRO A 167 -29.03 -0.92 -14.94
CA PRO A 167 -28.85 -2.38 -15.14
C PRO A 167 -27.62 -2.89 -14.37
N LEU A 168 -26.49 -2.17 -14.40
CA LEU A 168 -25.33 -2.59 -13.61
C LEU A 168 -25.62 -2.79 -12.14
N LEU A 169 -26.21 -1.78 -11.52
CA LEU A 169 -26.44 -1.82 -10.07
C LEU A 169 -27.51 -2.85 -9.74
N GLU A 170 -28.59 -2.89 -10.51
CA GLU A 170 -29.67 -3.85 -10.29
C GLU A 170 -29.13 -5.28 -10.44
N GLN A 171 -28.40 -5.55 -11.52
CA GLN A 171 -27.98 -6.93 -11.74
C GLN A 171 -26.75 -7.32 -10.88
N CYS A 172 -25.77 -6.43 -10.74
CA CYS A 172 -24.45 -6.77 -10.19
C CYS A 172 -24.25 -6.39 -8.74
N VAL A 173 -25.08 -5.48 -8.20
CA VAL A 173 -24.91 -5.04 -6.82
C VAL A 173 -26.10 -5.52 -6.03
N VAL A 174 -27.30 -5.10 -6.39
CA VAL A 174 -28.54 -5.64 -5.81
C VAL A 174 -28.64 -7.15 -6.05
N GLY A 175 -28.24 -7.59 -7.25
CA GLY A 175 -28.32 -9.00 -7.59
C GLY A 175 -26.98 -9.77 -7.37
N LEU A 176 -26.06 -9.23 -6.55
CA LEU A 176 -24.80 -9.98 -6.28
C LEU A 176 -24.99 -11.42 -5.71
N ASN A 177 -24.09 -12.32 -6.09
CA ASN A 177 -24.12 -13.70 -5.57
C ASN A 177 -23.68 -13.74 -4.11
N GLU A 178 -24.62 -14.00 -3.21
CA GLU A 178 -24.37 -13.96 -1.77
C GLU A 178 -23.36 -15.04 -1.35
N GLU A 179 -23.40 -16.20 -1.98
CA GLU A 179 -22.52 -17.28 -1.59
C GLU A 179 -21.08 -16.93 -2.04
N ASP A 180 -20.89 -16.39 -3.24
CA ASP A 180 -19.56 -15.92 -3.63
C ASP A 180 -19.04 -14.82 -2.68
N LEU A 181 -19.94 -13.91 -2.29
CA LEU A 181 -19.59 -12.82 -1.37
C LEU A 181 -19.09 -13.41 -0.03
N HIS A 182 -19.82 -14.39 0.49
CA HIS A 182 -19.49 -15.02 1.75
C HIS A 182 -18.08 -15.67 1.68
N GLN A 183 -17.83 -16.42 0.61
CA GLN A 183 -16.55 -17.11 0.44
C GLN A 183 -15.42 -16.07 0.31
N HIS A 184 -15.69 -14.94 -0.35
CA HIS A 184 -14.68 -13.87 -0.49
C HIS A 184 -14.34 -13.34 0.89
N VAL A 185 -15.34 -13.11 1.70
CA VAL A 185 -15.17 -12.48 2.96
C VAL A 185 -14.45 -13.47 3.98
N ILE A 186 -14.78 -14.74 3.87
CA ILE A 186 -14.14 -15.79 4.72
C ILE A 186 -12.63 -15.83 4.42
N CYS A 187 -12.31 -15.93 3.14
CA CYS A 187 -10.94 -16.05 2.67
C CYS A 187 -10.13 -14.85 3.08
N VAL A 188 -10.68 -13.64 2.92
CA VAL A 188 -9.94 -12.45 3.32
C VAL A 188 -9.72 -12.42 4.81
N HIS A 189 -10.76 -12.79 5.56
CA HIS A 189 -10.65 -12.73 7.00
C HIS A 189 -9.54 -13.77 7.49
N ASP A 190 -9.47 -14.91 6.83
CA ASP A 190 -8.47 -15.94 7.14
C ASP A 190 -7.06 -15.48 6.78
N GLN A 191 -6.92 -14.78 5.64
CA GLN A 191 -5.64 -14.14 5.30
C GLN A 191 -5.18 -13.19 6.39
N GLU A 192 -6.07 -12.34 6.85
CA GLU A 192 -5.69 -11.37 7.88
C GLU A 192 -5.34 -12.13 9.21
N VAL A 193 -6.08 -13.17 9.57
CA VAL A 193 -5.86 -13.86 10.85
C VAL A 193 -4.47 -14.63 10.74
N LEU A 194 -4.23 -15.30 9.61
CA LEU A 194 -2.92 -15.90 9.30
C LEU A 194 -1.78 -14.92 9.46
N ARG A 195 -1.86 -13.74 8.85
CA ARG A 195 -0.77 -12.76 8.97
C ARG A 195 -0.63 -12.34 10.41
N SER A 196 -1.73 -12.17 11.13
CA SER A 196 -1.55 -11.59 12.45
C SER A 196 -1.04 -12.67 13.44
N ASN A 197 -1.06 -13.95 13.04
CA ASN A 197 -0.56 -15.04 13.87
C ASN A 197 0.91 -15.38 13.67
N LEU A 198 1.55 -14.78 12.66
CA LEU A 198 2.93 -15.07 12.33
C LEU A 198 3.85 -14.85 13.52
N LEU A 199 3.84 -13.66 14.06
CA LEU A 199 4.82 -13.24 15.06
C LEU A 199 4.73 -14.14 16.31
N GLY A 200 3.50 -14.43 16.73
CA GLY A 200 3.23 -15.26 17.89
C GLY A 200 3.67 -16.71 17.70
N ALA A 201 3.67 -17.17 16.45
CA ALA A 201 4.06 -18.50 16.18
C ALA A 201 5.58 -18.66 15.92
N GLY A 202 6.32 -17.55 15.89
CA GLY A 202 7.76 -17.58 15.69
C GLY A 202 8.24 -17.38 14.25
N TYR A 203 7.42 -16.73 13.40
CA TYR A 203 7.80 -16.52 12.00
C TYR A 203 7.70 -15.03 11.61
N VAL A 204 8.39 -14.66 10.52
CA VAL A 204 8.28 -13.33 9.96
C VAL A 204 7.59 -13.39 8.59
N ALA A 205 7.37 -14.60 8.08
CA ALA A 205 6.81 -14.83 6.74
C ALA A 205 6.34 -16.26 6.64
N PHE A 206 5.27 -16.47 5.88
CA PHE A 206 4.78 -17.78 5.54
C PHE A 206 4.37 -17.79 4.06
N VAL A 207 4.76 -18.84 3.35
CA VAL A 207 4.48 -18.99 1.94
C VAL A 207 3.69 -20.29 1.74
N ALA A 208 2.38 -20.19 1.49
CA ALA A 208 1.54 -21.35 1.31
C ALA A 208 1.98 -22.29 0.19
N ASN A 209 2.00 -23.59 0.47
CA ASN A 209 2.03 -24.60 -0.60
C ASN A 209 0.91 -24.41 -1.66
N GLY A 210 1.23 -24.61 -2.91
CA GLY A 210 0.26 -24.46 -3.97
C GLY A 210 0.18 -23.00 -4.52
N ALA A 211 0.85 -22.04 -3.87
CA ALA A 211 0.84 -20.64 -4.34
C ALA A 211 1.39 -20.55 -5.74
N ILE A 212 0.81 -19.67 -6.55
CA ILE A 212 1.36 -19.42 -7.88
C ILE A 212 1.94 -18.03 -7.79
N LEU A 213 3.26 -17.92 -7.80
CA LEU A 213 3.86 -16.63 -7.52
C LEU A 213 4.06 -15.75 -8.75
N PRO A 214 4.48 -16.34 -9.88
CA PRO A 214 4.76 -15.44 -11.02
C PRO A 214 3.50 -14.84 -11.59
N ARG A 215 3.65 -13.71 -12.25
CA ARG A 215 2.52 -12.88 -12.69
C ARG A 215 2.45 -13.02 -14.20
N ASP A 216 1.28 -12.88 -14.77
CA ASP A 216 1.21 -13.02 -16.22
C ASP A 216 1.89 -11.84 -16.90
N ALA A 217 2.06 -12.00 -18.21
CA ALA A 217 2.76 -11.00 -19.02
C ALA A 217 2.02 -9.66 -19.00
N GLY A 218 2.77 -8.60 -18.73
CA GLY A 218 2.24 -7.26 -18.88
C GLY A 218 1.77 -6.65 -17.58
N ASN A 219 0.57 -6.04 -17.61
CA ASN A 219 0.15 -5.14 -16.55
C ASN A 219 -1.00 -5.61 -15.64
N SER A 220 -1.59 -6.78 -15.92
CA SER A 220 -2.77 -7.25 -15.17
C SER A 220 -2.45 -7.59 -13.69
N ASP A 221 -1.21 -7.95 -13.42
CA ASP A 221 -0.82 -8.49 -12.13
C ASP A 221 -1.63 -9.76 -11.76
N LYS A 222 -2.22 -10.40 -12.77
CA LYS A 222 -2.89 -11.67 -12.54
C LYS A 222 -1.90 -12.83 -12.51
N PRO A 223 -2.27 -13.96 -11.90
CA PRO A 223 -1.29 -15.05 -11.84
C PRO A 223 -0.96 -15.60 -13.23
N LEU A 224 0.29 -15.99 -13.39
CA LEU A 224 0.75 -16.63 -14.62
C LEU A 224 -0.13 -17.85 -14.89
N ARG A 225 -0.70 -17.92 -16.08
CA ARG A 225 -1.74 -18.89 -16.33
C ARG A 225 -1.18 -20.20 -16.87
N ASP A 226 0.06 -20.16 -17.36
CA ASP A 226 0.60 -21.30 -18.07
C ASP A 226 2.04 -21.59 -17.71
N ASN A 227 2.29 -22.86 -17.37
CA ASN A 227 3.63 -23.36 -17.11
C ASN A 227 4.15 -22.86 -15.77
N ALA A 228 3.22 -22.59 -14.85
CA ALA A 228 3.60 -22.07 -13.53
C ALA A 228 3.87 -23.25 -12.64
N VAL A 229 4.95 -23.17 -11.88
CA VAL A 229 5.31 -24.20 -10.92
C VAL A 229 4.75 -23.84 -9.54
N PRO A 230 3.79 -24.61 -9.03
CA PRO A 230 3.23 -24.19 -7.75
C PRO A 230 4.28 -24.20 -6.67
N PHE A 231 4.12 -23.36 -5.65
CA PHE A 231 5.09 -23.34 -4.58
C PHE A 231 5.00 -24.59 -3.71
N GLN A 232 6.16 -25.13 -3.31
CA GLN A 232 6.24 -26.29 -2.43
C GLN A 232 7.37 -26.07 -1.41
N SER A 233 7.04 -26.07 -0.11
CA SER A 233 8.00 -25.78 0.96
C SER A 233 9.14 -26.84 0.98
N PRO A 234 10.37 -26.42 1.20
CA PRO A 234 11.31 -27.44 1.75
C PRO A 234 10.76 -28.09 3.03
N LYS A 235 10.96 -29.40 3.24
CA LYS A 235 10.39 -30.04 4.42
C LYS A 235 10.96 -29.48 5.70
N SER A 236 12.21 -29.03 5.67
CA SER A 236 12.82 -28.53 6.87
C SER A 236 12.12 -27.26 7.35
N LEU A 237 11.38 -26.58 6.47
CA LEU A 237 10.75 -25.32 6.87
C LEU A 237 9.23 -25.40 6.86
N GLU A 238 8.69 -26.56 6.56
CA GLU A 238 7.26 -26.67 6.33
C GLU A 238 6.54 -26.62 7.65
N CYS A 239 5.44 -25.86 7.72
CA CYS A 239 4.67 -25.76 8.96
C CYS A 239 3.20 -25.56 8.57
N SER A 240 2.30 -25.58 9.55
CA SER A 240 0.87 -25.63 9.25
C SER A 240 0.15 -24.67 10.13
N PHE A 241 -0.85 -23.97 9.57
CA PHE A 241 -1.66 -23.03 10.34
C PHE A 241 -3.11 -23.41 10.11
N THR A 242 -3.92 -23.30 11.15
CA THR A 242 -5.35 -23.51 10.99
C THR A 242 -6.00 -22.14 10.77
N LEU A 243 -6.92 -22.09 9.83
CA LEU A 243 -7.58 -20.82 9.43
C LEU A 243 -8.98 -20.94 10.00
N PRO A 244 -9.27 -20.19 11.04
CA PRO A 244 -10.51 -20.40 11.80
C PRO A 244 -11.81 -20.06 11.04
N HIS A 245 -11.78 -19.16 10.07
CA HIS A 245 -13.07 -18.80 9.46
C HIS A 245 -13.53 -19.84 8.47
N SER A 246 -12.62 -20.46 7.74
CA SER A 246 -13.03 -21.43 6.79
C SER A 246 -12.94 -22.81 7.46
N GLY A 247 -12.25 -22.83 8.60
CA GLY A 247 -11.89 -24.05 9.28
C GLY A 247 -10.81 -24.89 8.61
N LYS A 248 -10.07 -24.34 7.67
CA LYS A 248 -9.14 -25.16 6.93
C LYS A 248 -7.76 -25.15 7.58
N THR A 249 -6.92 -26.08 7.21
CA THR A 249 -5.55 -26.03 7.68
C THR A 249 -4.67 -25.83 6.45
N ILE A 250 -3.77 -24.87 6.51
CA ILE A 250 -2.92 -24.62 5.37
C ILE A 250 -1.47 -24.96 5.73
N THR A 251 -0.73 -25.53 4.79
CA THR A 251 0.68 -25.84 5.01
C THR A 251 1.57 -25.09 4.03
N GLY A 252 2.78 -24.74 4.45
CA GLY A 252 3.68 -23.99 3.60
C GLY A 252 5.01 -23.69 4.29
N MET A 253 5.82 -22.88 3.66
CA MET A 253 7.12 -22.53 4.22
C MET A 253 7.07 -21.38 5.24
N GLY A 254 7.48 -21.66 6.48
CA GLY A 254 7.58 -20.65 7.51
C GLY A 254 9.02 -20.15 7.57
N LEU A 255 9.21 -18.84 7.55
CA LEU A 255 10.56 -18.32 7.75
C LEU A 255 10.69 -17.70 9.13
N PRO A 256 11.72 -18.12 9.87
CA PRO A 256 11.93 -17.59 11.22
C PRO A 256 12.66 -16.27 11.26
N PRO A 257 12.61 -15.60 12.40
CA PRO A 257 13.29 -14.29 12.52
C PRO A 257 14.81 -14.46 12.36
N GLY A 258 15.51 -13.40 11.98
CA GLY A 258 16.91 -13.49 11.65
C GLY A 258 17.07 -13.18 10.18
N LEU A 259 18.14 -13.68 9.58
CA LEU A 259 18.41 -13.39 8.17
C LEU A 259 18.12 -14.63 7.33
N THR A 260 17.23 -14.45 6.35
CA THR A 260 17.03 -15.47 5.32
C THR A 260 17.66 -15.02 4.01
N LEU A 261 18.38 -15.91 3.33
CA LEU A 261 18.95 -15.56 2.02
C LEU A 261 18.22 -16.36 1.02
N ILE A 262 17.96 -15.77 -0.16
CA ILE A 262 17.36 -16.50 -1.28
C ILE A 262 18.37 -16.43 -2.44
N ALA A 263 18.97 -17.57 -2.77
CA ALA A 263 20.01 -17.59 -3.77
C ALA A 263 19.56 -18.44 -4.96
N GLY A 264 20.42 -18.60 -5.95
CA GLY A 264 20.01 -19.32 -7.14
C GLY A 264 20.37 -18.45 -8.36
N GLY A 265 20.23 -19.01 -9.54
CA GLY A 265 20.72 -18.33 -10.71
C GLY A 265 19.73 -17.21 -11.04
N GLY A 266 20.24 -16.17 -11.69
CA GLY A 266 19.32 -15.21 -12.29
C GLY A 266 18.23 -15.90 -13.12
N PHE A 267 17.01 -15.40 -12.93
CA PHE A 267 15.82 -15.87 -13.66
C PHE A 267 15.35 -17.25 -13.26
N HIS A 268 15.83 -17.73 -12.11
CA HIS A 268 15.40 -19.03 -11.62
C HIS A 268 14.29 -18.92 -10.57
N GLY A 269 13.81 -17.70 -10.30
CA GLY A 269 12.58 -17.52 -9.53
C GLY A 269 12.74 -16.74 -8.20
N LYS A 270 13.97 -16.33 -7.89
CA LYS A 270 14.29 -15.61 -6.64
C LYS A 270 13.49 -14.33 -6.49
N SER A 271 13.54 -13.44 -7.49
CA SER A 271 12.89 -12.15 -7.35
C SER A 271 11.39 -12.31 -7.33
N THR A 272 10.88 -13.32 -8.03
CA THR A 272 9.46 -13.51 -8.09
C THR A 272 8.98 -13.89 -6.68
N LEU A 273 9.77 -14.69 -5.96
CA LEU A 273 9.40 -15.07 -4.60
C LEU A 273 9.44 -13.81 -3.74
N LEU A 274 10.51 -13.05 -3.88
CA LEU A 274 10.67 -11.84 -3.05
C LEU A 274 9.53 -10.82 -3.31
N ARG A 275 9.11 -10.66 -4.57
CA ARG A 275 8.01 -9.72 -4.88
C ARG A 275 6.71 -10.16 -4.22
N ALA A 276 6.43 -11.46 -4.21
CA ALA A 276 5.26 -11.97 -3.49
C ALA A 276 5.34 -11.68 -2.00
N LEU A 277 6.54 -11.74 -1.42
CA LEU A 277 6.74 -11.33 -0.04
C LEU A 277 6.47 -9.83 0.17
N GLU A 278 6.94 -8.96 -0.73
CA GLU A 278 6.74 -7.51 -0.54
C GLU A 278 5.24 -7.15 -0.48
N VAL A 279 4.42 -7.84 -1.25
CA VAL A 279 2.97 -7.54 -1.23
C VAL A 279 2.26 -8.43 -0.20
N GLY A 280 3.05 -9.13 0.61
CA GLY A 280 2.50 -10.00 1.62
C GLY A 280 1.96 -9.22 2.80
N ILE A 281 2.12 -7.90 2.79
CA ILE A 281 1.45 -7.05 3.77
C ILE A 281 -0.06 -6.82 3.40
N TYR A 282 -0.49 -7.24 2.22
CA TYR A 282 -1.90 -6.98 1.75
C TYR A 282 -2.62 -8.32 1.60
N ASN A 283 -3.88 -8.38 2.00
CA ASN A 283 -4.73 -9.49 1.56
C ASN A 283 -5.06 -9.39 0.07
N HIS A 284 -5.30 -10.54 -0.57
CA HIS A 284 -5.45 -10.57 -2.01
C HIS A 284 -6.82 -11.13 -2.37
N VAL A 285 -7.28 -10.80 -3.57
CA VAL A 285 -8.51 -11.44 -4.08
C VAL A 285 -8.27 -13.00 -4.05
N PRO A 286 -9.30 -13.80 -3.68
CA PRO A 286 -9.08 -15.25 -3.47
C PRO A 286 -8.36 -16.03 -4.58
N ASP A 287 -8.62 -15.75 -5.84
CA ASP A 287 -7.95 -16.53 -6.88
C ASP A 287 -6.67 -15.90 -7.36
N ASP A 288 -6.10 -15.00 -6.56
CA ASP A 288 -4.87 -14.32 -6.99
C ASP A 288 -3.60 -15.21 -7.20
N GLY A 289 -3.51 -16.35 -6.52
CA GLY A 289 -2.28 -17.15 -6.55
C GLY A 289 -1.33 -16.89 -5.36
N ARG A 290 -1.27 -15.67 -4.83
CA ARG A 290 -0.36 -15.36 -3.70
C ARG A 290 -1.13 -15.37 -2.41
N THR A 291 -2.35 -15.84 -2.49
CA THR A 291 -3.18 -15.88 -1.30
C THR A 291 -2.51 -16.77 -0.23
N TYR A 292 -2.52 -16.30 1.03
CA TYR A 292 -1.80 -16.98 2.16
C TYR A 292 -0.29 -16.96 1.97
N VAL A 293 0.20 -15.98 1.20
CA VAL A 293 1.63 -15.65 1.22
C VAL A 293 1.72 -14.36 1.97
N VAL A 294 2.14 -14.42 3.24
CA VAL A 294 2.01 -13.28 4.16
C VAL A 294 3.34 -12.96 4.80
N VAL A 295 3.53 -11.69 5.16
CA VAL A 295 4.75 -11.29 5.94
C VAL A 295 4.31 -10.38 7.04
N ASP A 296 5.23 -10.16 7.97
CA ASP A 296 5.08 -9.14 8.98
C ASP A 296 4.46 -7.85 8.35
N PRO A 297 3.36 -7.33 8.94
CA PRO A 297 2.72 -6.15 8.32
C PRO A 297 3.57 -4.88 8.24
N THR A 298 4.74 -4.80 8.91
CA THR A 298 5.56 -3.65 8.81
C THR A 298 6.71 -3.82 7.79
N ALA A 299 6.69 -4.88 7.01
CA ALA A 299 7.81 -5.19 6.08
C ALA A 299 8.01 -4.07 5.07
N VAL A 300 9.27 -3.75 4.79
CA VAL A 300 9.58 -2.68 3.81
C VAL A 300 10.61 -3.19 2.81
N LYS A 301 10.29 -2.96 1.55
CA LYS A 301 11.17 -3.24 0.43
C LYS A 301 12.25 -2.16 0.39
N ILE A 302 13.49 -2.57 0.62
CA ILE A 302 14.64 -1.69 0.55
C ILE A 302 15.37 -1.83 -0.78
N ARG A 303 15.76 -0.70 -1.39
CA ARG A 303 16.56 -0.69 -2.61
C ARG A 303 17.35 0.60 -2.70
N ALA A 304 18.26 0.67 -3.68
CA ALA A 304 19.01 1.86 -3.99
C ALA A 304 18.11 2.77 -4.78
N GLU A 305 18.33 4.07 -4.67
CA GLU A 305 17.45 5.08 -5.23
C GLU A 305 18.25 6.35 -5.48
N ASP A 306 19.27 6.24 -6.33
CA ASP A 306 20.15 7.39 -6.54
C ASP A 306 19.33 8.59 -7.08
N ARG A 307 19.80 9.78 -6.70
CA ARG A 307 19.23 11.10 -7.00
C ARG A 307 18.07 11.57 -6.11
N ARG A 308 17.60 10.77 -5.18
CA ARG A 308 16.54 11.26 -4.30
C ARG A 308 17.17 12.27 -3.30
N SER A 309 16.33 13.10 -2.69
CA SER A 309 16.80 13.98 -1.60
C SER A 309 16.55 13.32 -0.25
N VAL A 310 17.33 13.75 0.73
CA VAL A 310 17.23 13.24 2.10
C VAL A 310 17.37 14.46 3.03
N HIS A 311 16.59 14.49 4.12
CA HIS A 311 16.80 15.58 5.10
C HIS A 311 16.66 15.10 6.55
N GLY A 312 17.78 15.19 7.27
CA GLY A 312 17.81 14.97 8.70
C GLY A 312 17.72 13.52 9.05
N VAL A 313 18.37 12.65 8.27
CA VAL A 313 18.30 11.26 8.62
C VAL A 313 19.68 10.82 9.11
N ASP A 314 19.72 10.16 10.24
CA ASP A 314 20.99 9.64 10.78
C ASP A 314 21.48 8.34 10.03
N ILE A 315 22.36 8.48 9.05
CA ILE A 315 22.81 7.29 8.34
C ILE A 315 24.18 6.80 8.84
N SER A 316 24.59 7.32 9.98
CA SER A 316 25.88 7.03 10.58
C SER A 316 26.14 5.53 10.79
N PRO A 317 25.09 4.69 10.98
CA PRO A 317 25.43 3.26 11.04
C PRO A 317 26.02 2.67 9.74
N PHE A 318 25.84 3.34 8.61
CA PHE A 318 26.29 2.80 7.33
C PHE A 318 27.34 3.71 6.70
N ILE A 319 27.24 4.99 6.95
CA ILE A 319 28.13 5.94 6.30
C ILE A 319 28.62 6.88 7.40
N ASN A 320 29.92 6.90 7.63
CA ASN A 320 30.42 7.70 8.70
C ASN A 320 31.87 8.10 8.45
N ASN A 321 32.38 9.10 9.18
CA ASN A 321 33.80 9.44 9.08
C ASN A 321 34.15 9.96 7.74
N LEU A 322 33.30 10.81 7.19
CA LEU A 322 33.53 11.34 5.88
C LEU A 322 34.82 12.16 5.90
N PRO A 323 35.29 12.59 4.72
CA PRO A 323 36.41 13.54 4.68
C PRO A 323 36.01 14.92 5.17
N PHE A 324 36.91 15.58 5.90
CA PHE A 324 36.73 17.00 6.19
C PHE A 324 35.57 17.22 7.15
N GLY A 325 35.54 16.39 8.19
CA GLY A 325 34.57 16.54 9.26
C GLY A 325 33.12 16.65 8.84
N LYS A 326 32.79 16.30 7.60
CA LYS A 326 31.39 16.29 7.18
C LYS A 326 30.68 15.25 8.07
N THR A 327 29.40 15.48 8.39
CA THR A 327 28.67 14.60 9.32
C THR A 327 27.54 13.86 8.64
N THR A 328 27.14 12.76 9.27
CA THR A 328 26.10 11.93 8.73
C THR A 328 25.10 11.58 9.82
N ASN A 329 25.26 12.17 11.01
CA ASN A 329 24.31 11.95 12.10
C ASN A 329 22.95 12.67 11.89
N PHE A 330 22.94 13.68 11.04
CA PHE A 330 21.73 14.41 10.65
C PHE A 330 21.89 14.73 9.18
N PHE A 331 21.95 13.68 8.37
CA PHE A 331 22.41 13.84 6.98
C PHE A 331 21.46 14.58 6.05
N VAL A 332 22.01 15.42 5.21
CA VAL A 332 21.23 16.17 4.27
C VAL A 332 21.81 16.07 2.85
N THR A 333 20.99 15.79 1.85
CA THR A 333 21.49 15.85 0.48
C THR A 333 20.40 16.17 -0.49
N ALA A 334 20.71 16.90 -1.55
CA ALA A 334 19.73 17.07 -2.60
C ALA A 334 19.83 16.00 -3.71
N ASP A 335 20.81 15.11 -3.63
CA ASP A 335 21.12 14.24 -4.79
C ASP A 335 21.91 13.02 -4.34
N ALA A 336 21.23 12.05 -3.74
CA ALA A 336 21.91 10.96 -3.04
C ALA A 336 22.59 10.00 -4.03
N SER A 337 23.68 9.36 -3.64
CA SER A 337 24.22 8.31 -4.47
C SER A 337 23.40 7.02 -4.25
N GLY A 338 23.80 5.95 -4.93
CA GLY A 338 23.27 4.62 -4.67
C GLY A 338 23.36 4.24 -3.20
N SER A 339 24.56 4.26 -2.68
CA SER A 339 24.77 3.77 -1.32
C SER A 339 24.09 4.72 -0.28
N THR A 340 24.17 6.03 -0.45
CA THR A 340 23.56 6.95 0.55
C THR A 340 22.01 6.89 0.50
N SER A 341 21.43 6.76 -0.69
CA SER A 341 19.97 6.60 -0.82
C SER A 341 19.53 5.31 -0.14
N GLN A 342 20.30 4.24 -0.32
CA GLN A 342 19.87 2.96 0.24
C GLN A 342 19.99 3.01 1.78
N ALA A 343 21.09 3.60 2.28
CA ALA A 343 21.27 3.80 3.71
C ALA A 343 20.11 4.65 4.30
N ALA A 344 19.80 5.77 3.67
CA ALA A 344 18.67 6.56 4.09
C ALA A 344 17.36 5.76 4.03
N ASN A 345 17.14 4.96 2.96
CA ASN A 345 15.92 4.14 2.87
C ASN A 345 15.82 3.20 4.06
N ILE A 346 16.94 2.59 4.45
CA ILE A 346 16.92 1.70 5.58
C ILE A 346 16.62 2.46 6.88
N MET A 347 17.32 3.57 7.14
CA MET A 347 17.18 4.25 8.42
C MET A 347 15.73 4.91 8.51
N GLU A 348 15.21 5.38 7.39
CA GLU A 348 13.80 5.91 7.36
C GLU A 348 12.78 4.78 7.62
N ALA A 349 13.01 3.57 7.10
CA ALA A 349 12.08 2.47 7.33
C ALA A 349 12.11 2.08 8.80
N LEU A 350 13.30 2.05 9.37
CA LEU A 350 13.44 1.72 10.81
C LEU A 350 12.69 2.76 11.68
N GLU A 351 12.87 4.04 11.38
CA GLU A 351 12.20 5.13 12.10
C GLU A 351 10.65 4.96 12.07
N LEU A 352 10.12 4.54 10.91
CA LEU A 352 8.67 4.41 10.71
C LEU A 352 8.21 3.08 11.26
N GLY A 353 9.14 2.33 11.84
CA GLY A 353 8.78 1.13 12.58
C GLY A 353 8.92 -0.23 11.91
N SER A 354 9.62 -0.35 10.77
CA SER A 354 9.59 -1.63 10.02
C SER A 354 10.41 -2.68 10.87
N GLN A 355 9.93 -3.88 10.99
CA GLN A 355 10.62 -4.96 11.74
C GLN A 355 11.10 -6.01 10.76
N LEU A 356 10.92 -5.76 9.45
CA LEU A 356 11.37 -6.75 8.44
C LEU A 356 11.78 -6.04 7.16
N LEU A 357 13.07 -6.15 6.81
CA LEU A 357 13.62 -5.51 5.63
C LEU A 357 13.72 -6.54 4.53
N LEU A 358 13.24 -6.19 3.34
CA LEU A 358 13.27 -7.11 2.20
C LEU A 358 14.18 -6.47 1.17
N LEU A 359 15.20 -7.20 0.77
CA LEU A 359 16.22 -6.64 -0.13
C LEU A 359 16.46 -7.54 -1.33
N ASP A 360 16.63 -6.90 -2.48
CA ASP A 360 16.99 -7.68 -3.68
C ASP A 360 18.29 -7.13 -4.19
N GLU A 361 19.34 -7.95 -4.16
CA GLU A 361 20.68 -7.55 -4.62
C GLU A 361 20.66 -6.88 -6.01
N ASP A 362 19.77 -7.31 -6.88
CA ASP A 362 19.69 -6.78 -8.24
C ASP A 362 19.37 -5.26 -8.23
N THR A 363 18.71 -4.75 -7.18
CA THR A 363 18.38 -3.32 -7.10
C THR A 363 18.97 -2.63 -5.88
N CYS A 364 19.93 -3.26 -5.20
CA CYS A 364 20.68 -2.58 -4.13
C CYS A 364 21.99 -1.95 -4.65
N ALA A 365 22.63 -1.15 -3.81
CA ALA A 365 23.90 -0.56 -4.15
C ALA A 365 25.02 -1.48 -3.69
N THR A 366 25.82 -1.90 -4.64
CA THR A 366 26.87 -2.88 -4.41
C THR A 366 27.79 -2.48 -3.26
N ASN A 367 28.11 -1.21 -3.27
CA ASN A 367 29.01 -0.68 -2.28
C ASN A 367 28.46 -0.76 -0.84
N LEU A 368 27.13 -0.89 -0.67
CA LEU A 368 26.50 -1.10 0.64
C LEU A 368 26.27 -2.59 0.91
N MET A 369 26.35 -3.42 -0.10
CA MET A 369 25.98 -4.80 0.15
C MET A 369 27.24 -5.56 0.58
N TYR A 370 28.32 -5.32 -0.17
CA TYR A 370 29.49 -6.21 -0.15
C TYR A 370 30.78 -5.47 0.00
N ARG A 371 31.77 -6.20 0.51
CA ARG A 371 33.15 -5.77 0.56
C ARG A 371 33.99 -7.05 0.68
N ASP A 372 35.05 -7.20 -0.09
CA ASP A 372 35.83 -8.42 0.08
C ASP A 372 37.15 -8.04 0.73
N ALA A 373 37.92 -9.07 1.04
CA ALA A 373 39.17 -8.90 1.77
C ALA A 373 40.26 -8.20 0.91
N LEU A 374 40.32 -8.53 -0.36
CA LEU A 374 41.34 -7.93 -1.24
C LEU A 374 41.25 -6.43 -1.23
N MET A 375 40.02 -5.90 -1.37
CA MET A 375 39.84 -4.44 -1.44
C MET A 375 40.22 -3.81 -0.14
N GLN A 376 39.83 -4.43 0.99
CA GLN A 376 40.21 -3.86 2.29
C GLN A 376 41.73 -3.70 2.46
N MET A 377 42.51 -4.56 1.82
CA MET A 377 43.98 -4.39 1.88
C MET A 377 44.44 -3.18 1.10
N LEU A 378 43.79 -2.88 -0.03
CA LEU A 378 44.18 -1.70 -0.80
C LEU A 378 43.69 -0.44 -0.12
N VAL A 379 42.45 -0.46 0.35
CA VAL A 379 41.85 0.75 0.93
C VAL A 379 41.37 0.35 2.31
N PRO A 380 42.13 0.71 3.35
CA PRO A 380 41.80 0.22 4.69
C PRO A 380 40.43 0.75 5.23
N ARG A 381 39.81 -0.01 6.11
CA ARG A 381 38.48 0.32 6.56
C ARG A 381 38.41 1.74 7.09
N ALA A 382 39.49 2.23 7.68
CA ALA A 382 39.50 3.58 8.20
C ALA A 382 39.43 4.65 7.12
N GLN A 383 39.76 4.33 5.88
CA GLN A 383 39.64 5.30 4.82
C GLN A 383 38.36 5.06 3.98
N GLU A 384 37.48 4.19 4.47
CA GLU A 384 36.23 3.88 3.74
C GLU A 384 35.00 4.23 4.63
N PRO A 385 34.36 5.36 4.36
CA PRO A 385 33.18 5.83 5.10
C PRO A 385 32.04 4.79 5.16
N ILE A 386 31.97 3.92 4.16
CA ILE A 386 30.84 3.03 3.99
C ILE A 386 31.03 1.70 4.67
N THR A 387 30.16 1.40 5.60
CA THR A 387 30.10 0.09 6.22
C THR A 387 28.99 -0.72 5.57
N PRO A 388 29.31 -1.91 5.01
CA PRO A 388 28.35 -2.73 4.25
C PRO A 388 27.28 -3.35 5.17
N PHE A 389 26.12 -3.69 4.61
CA PHE A 389 25.00 -4.20 5.37
C PHE A 389 25.34 -5.49 6.10
N VAL A 390 26.25 -6.28 5.54
CA VAL A 390 26.63 -7.51 6.19
C VAL A 390 27.25 -7.35 7.62
N GLU A 391 27.86 -6.22 7.88
CA GLU A 391 28.39 -5.90 9.21
C GLU A 391 27.35 -5.27 10.17
N ARG A 392 26.10 -5.03 9.70
CA ARG A 392 25.06 -4.46 10.56
C ARG A 392 23.84 -5.35 10.75
N VAL A 393 23.70 -6.34 9.91
CA VAL A 393 22.48 -7.14 9.85
C VAL A 393 22.25 -7.95 11.13
N ALA A 394 23.30 -8.46 11.78
CA ALA A 394 23.14 -9.19 13.03
C ALA A 394 22.76 -8.25 14.21
N ASP A 395 23.38 -7.09 14.28
CA ASP A 395 23.06 -6.02 15.23
C ASP A 395 21.54 -5.72 15.16
N LEU A 396 21.04 -5.42 13.94
CA LEU A 396 19.61 -5.12 13.72
C LEU A 396 18.72 -6.20 14.27
N SER A 397 19.04 -7.43 13.90
CA SER A 397 18.29 -8.58 14.31
C SER A 397 18.36 -8.91 15.84
N GLN A 398 19.57 -9.04 16.38
CA GLN A 398 19.78 -9.41 17.81
C GLN A 398 19.40 -8.30 18.76
N ASN A 399 19.84 -7.09 18.49
CA ASN A 399 19.53 -5.98 19.38
C ASN A 399 18.21 -5.26 19.14
N HIS A 400 17.60 -5.42 17.97
CA HIS A 400 16.39 -4.60 17.73
C HIS A 400 15.24 -5.41 17.17
N GLY A 401 15.43 -6.70 17.03
CA GLY A 401 14.39 -7.60 16.56
C GLY A 401 13.95 -7.31 15.11
N VAL A 402 14.79 -6.65 14.33
CA VAL A 402 14.51 -6.40 12.91
C VAL A 402 15.10 -7.52 12.07
N SER A 403 14.26 -8.38 11.47
CA SER A 403 14.73 -9.38 10.53
C SER A 403 14.99 -8.87 9.10
N SER A 404 15.68 -9.69 8.31
CA SER A 404 15.98 -9.35 6.91
C SER A 404 15.80 -10.60 6.02
N ILE A 405 15.21 -10.38 4.85
CA ILE A 405 15.10 -11.42 3.83
C ILE A 405 15.75 -10.83 2.57
N MET A 406 16.77 -11.51 2.03
CA MET A 406 17.57 -10.91 0.97
C MET A 406 17.80 -11.86 -0.19
N VAL A 407 17.48 -11.41 -1.40
CA VAL A 407 17.83 -12.16 -2.60
C VAL A 407 19.26 -11.82 -2.89
N ILE A 408 20.08 -12.84 -3.09
CA ILE A 408 21.50 -12.61 -3.38
C ILE A 408 21.96 -13.52 -4.50
N GLY A 409 23.04 -13.17 -5.16
CA GLY A 409 23.54 -14.01 -6.25
C GLY A 409 25.04 -13.87 -6.43
N GLY A 410 25.63 -12.78 -5.95
CA GLY A 410 27.00 -12.47 -6.29
C GLY A 410 28.08 -12.84 -5.30
N SER A 411 27.70 -13.29 -4.11
CA SER A 411 28.69 -13.43 -3.04
C SER A 411 28.20 -14.39 -1.96
N GLY A 412 29.13 -15.05 -1.27
CA GLY A 412 28.76 -15.93 -0.17
C GLY A 412 29.05 -15.24 1.14
N GLN A 413 29.26 -13.94 1.08
CA GLN A 413 29.77 -13.22 2.24
C GLN A 413 28.72 -13.18 3.37
N TYR A 414 27.44 -13.42 3.06
CA TYR A 414 26.39 -13.45 4.10
C TYR A 414 26.12 -14.84 4.69
N PHE A 415 26.69 -15.88 4.11
CA PHE A 415 26.47 -17.24 4.57
C PHE A 415 26.62 -17.41 6.11
N PRO A 416 27.67 -16.83 6.69
CA PRO A 416 27.89 -17.00 8.15
C PRO A 416 26.79 -16.33 9.01
N GLN A 417 26.26 -15.20 8.54
CA GLN A 417 25.23 -14.47 9.28
C GLN A 417 23.84 -15.09 9.12
N ALA A 418 23.64 -15.89 8.09
CA ALA A 418 22.28 -16.29 7.69
C ALA A 418 21.77 -17.32 8.63
N ARG A 419 20.50 -17.26 8.93
CA ARG A 419 19.82 -18.33 9.64
C ARG A 419 19.33 -19.40 8.69
N VAL A 420 18.86 -18.96 7.53
CA VAL A 420 18.33 -19.85 6.52
C VAL A 420 18.90 -19.45 5.15
N VAL A 421 19.30 -20.41 4.34
CA VAL A 421 19.74 -20.12 2.96
C VAL A 421 18.91 -20.97 2.01
N LEU A 422 18.02 -20.32 1.24
CA LEU A 422 17.20 -20.99 0.24
C LEU A 422 17.90 -20.89 -1.10
N VAL A 423 17.63 -21.85 -1.97
CA VAL A 423 18.16 -21.79 -3.33
C VAL A 423 16.98 -22.10 -4.26
N MET A 424 16.74 -21.22 -5.24
CA MET A 424 15.73 -21.48 -6.26
C MET A 424 16.41 -21.94 -7.51
N ASN A 425 15.94 -23.04 -8.07
CA ASN A 425 16.46 -23.51 -9.33
C ASN A 425 15.33 -24.02 -10.20
N ALA A 426 15.18 -23.43 -11.39
CA ALA A 426 14.03 -23.69 -12.27
C ALA A 426 12.69 -23.54 -11.55
N TYR A 427 12.61 -22.54 -10.67
CA TYR A 427 11.38 -22.23 -9.93
C TYR A 427 11.06 -23.20 -8.81
N GLN A 428 11.93 -24.19 -8.58
CA GLN A 428 11.83 -25.09 -7.43
C GLN A 428 12.72 -24.56 -6.33
N ILE A 429 12.28 -24.69 -5.07
CA ILE A 429 13.05 -24.13 -3.96
C ILE A 429 13.58 -25.29 -3.08
N SER A 430 14.80 -25.10 -2.57
CA SER A 430 15.46 -26.05 -1.65
C SER A 430 15.97 -25.27 -0.45
N ASP A 431 16.07 -25.91 0.70
CA ASP A 431 16.76 -25.30 1.83
C ASP A 431 18.21 -25.81 1.80
N CYS A 432 19.17 -24.92 1.63
CA CYS A 432 20.58 -25.31 1.45
C CYS A 432 21.40 -24.69 2.55
N THR A 433 20.78 -24.51 3.74
CA THR A 433 21.48 -23.82 4.83
C THR A 433 22.79 -24.60 5.20
N LYS A 434 22.67 -25.92 5.25
CA LYS A 434 23.79 -26.75 5.70
C LYS A 434 24.93 -26.63 4.66
N GLU A 435 24.61 -26.75 3.38
CA GLU A 435 25.63 -26.58 2.32
C GLU A 435 26.32 -25.25 2.39
N ALA A 436 25.57 -24.17 2.69
CA ALA A 436 26.16 -22.86 2.71
C ALA A 436 27.08 -22.69 3.88
N LYS A 437 26.66 -23.18 5.02
CA LYS A 437 27.49 -23.09 6.23
C LYS A 437 28.83 -23.90 5.99
N GLU A 438 28.73 -25.04 5.34
CA GLU A 438 29.91 -25.84 5.08
C GLU A 438 30.83 -25.08 4.16
N ILE A 439 30.26 -24.44 3.14
CA ILE A 439 31.05 -23.58 2.26
C ILE A 439 31.71 -22.49 3.04
N ALA A 440 31.00 -21.83 3.94
CA ALA A 440 31.66 -20.74 4.69
C ALA A 440 32.75 -21.23 5.64
N SER A 441 32.47 -22.34 6.33
CA SER A 441 33.46 -22.87 7.29
C SER A 441 34.74 -23.38 6.60
N ASN A 442 34.60 -23.92 5.39
CA ASN A 442 35.77 -24.41 4.65
C ASN A 442 36.51 -23.37 3.82
N SER A 443 36.23 -22.09 4.06
CA SER A 443 36.82 -20.98 3.33
C SER A 443 37.52 -20.05 4.30
N SER A 444 37.99 -18.90 3.81
CA SER A 444 38.78 -17.99 4.64
C SER A 444 38.05 -16.70 5.07
N LEU A 445 36.76 -16.81 5.36
CA LEU A 445 36.00 -15.68 5.88
C LEU A 445 36.16 -15.53 7.41
N PRO A 446 36.20 -14.27 7.90
CA PRO A 446 36.07 -13.85 9.30
C PRO A 446 35.16 -14.70 10.16
N GLY A 452 28.23 -10.34 20.42
CA GLY A 452 27.77 -8.95 20.45
C GLY A 452 27.10 -8.45 21.74
N ASP A 453 27.86 -8.22 22.80
CA ASP A 453 27.42 -7.27 23.84
C ASP A 453 28.03 -5.88 23.51
N THR A 454 28.61 -5.79 22.31
CA THR A 454 29.06 -4.54 21.69
C THR A 454 27.93 -3.51 21.53
N ALA A 455 28.17 -2.29 21.96
CA ALA A 455 27.20 -1.20 21.79
C ALA A 455 26.62 -1.21 20.33
N SER A 456 25.30 -1.21 20.25
CA SER A 456 24.64 -1.23 18.97
C SER A 456 24.93 0.09 18.34
N VAL A 457 25.01 0.12 17.03
CA VAL A 457 25.17 1.42 16.43
C VAL A 457 23.77 2.06 16.14
N PHE A 458 22.70 1.30 16.32
CA PHE A 458 21.34 1.77 15.99
C PHE A 458 20.64 2.39 17.22
N ILE A 459 20.18 3.62 17.08
CA ILE A 459 19.56 4.40 18.15
C ILE A 459 18.05 4.46 17.95
N PRO A 460 17.29 3.65 18.70
CA PRO A 460 15.82 3.55 18.51
C PRO A 460 15.07 4.87 18.84
N ASP A 461 15.55 5.66 19.81
CA ASP A 461 14.95 6.98 20.07
C ASP A 461 15.41 8.04 19.11
N VAL A 462 14.84 8.00 17.92
CA VAL A 462 15.29 8.90 16.88
C VAL A 462 14.88 10.31 17.21
N ASN A 463 15.75 11.26 16.90
CA ASN A 463 15.52 12.61 17.27
C ASN A 463 15.27 13.41 15.99
N ARG A 464 14.00 13.55 15.61
CA ARG A 464 13.71 14.09 14.29
C ARG A 464 12.27 14.62 14.28
N CYS A 465 12.13 15.89 13.94
CA CYS A 465 10.83 16.59 13.95
C CYS A 465 10.62 17.27 12.63
N PHE A 466 9.41 17.15 12.09
CA PHE A 466 9.00 17.90 10.89
C PHE A 466 9.01 19.42 11.12
N ASP A 467 9.62 20.16 10.20
CA ASP A 467 9.58 21.63 10.22
C ASP A 467 8.71 22.21 9.10
N PRO A 468 7.44 22.48 9.43
CA PRO A 468 6.48 22.87 8.37
C PRO A 468 6.87 24.19 7.77
N ASP A 469 7.40 25.07 8.61
CA ASP A 469 7.77 26.39 8.12
C ASP A 469 8.85 26.28 7.04
N GLY A 470 9.97 25.65 7.35
CA GLY A 470 11.04 25.53 6.36
C GLY A 470 10.60 24.63 5.21
N SER A 471 9.74 23.67 5.47
CA SER A 471 9.43 22.70 4.39
C SER A 471 8.54 23.28 3.34
N PHE A 472 7.71 24.24 3.73
CA PHE A 472 6.61 24.64 2.88
C PHE A 472 6.75 26.03 2.37
N THR A 473 7.61 26.81 3.01
CA THR A 473 7.73 28.22 2.71
C THR A 473 8.10 28.48 1.27
N THR A 474 9.06 27.70 0.76
CA THR A 474 9.50 27.84 -0.63
C THR A 474 8.31 27.83 -1.58
N VAL A 475 7.39 26.90 -1.33
CA VAL A 475 6.23 26.67 -2.16
C VAL A 475 5.05 27.67 -2.04
N ARG A 476 5.02 28.52 -1.00
CA ARG A 476 4.06 29.64 -0.95
C ARG A 476 4.37 30.74 -1.97
N ARG A 477 5.61 30.77 -2.44
CA ARG A 477 6.08 31.76 -3.40
C ARG A 477 5.49 31.49 -4.79
N GLY A 482 -4.75 28.61 -6.40
CA GLY A 482 -4.65 27.54 -5.41
C GLY A 482 -3.34 26.75 -5.35
N THR A 483 -3.07 26.21 -4.17
CA THR A 483 -1.90 25.35 -3.90
C THR A 483 -2.24 23.86 -4.05
N LYS A 484 -2.30 23.36 -5.27
CA LYS A 484 -2.91 22.07 -5.46
C LYS A 484 -1.89 20.92 -5.20
N VAL A 485 -2.35 19.97 -4.42
CA VAL A 485 -1.69 18.72 -4.22
C VAL A 485 -2.50 17.66 -4.95
N SER A 486 -1.87 16.89 -5.83
CA SER A 486 -2.61 15.78 -6.44
C SER A 486 -1.70 14.58 -6.75
N GLY A 487 -2.32 13.40 -6.84
CA GLY A 487 -1.64 12.17 -7.17
C GLY A 487 -1.62 12.00 -8.67
N ILE A 488 -0.49 11.58 -9.20
CA ILE A 488 -0.36 11.24 -10.60
C ILE A 488 -0.16 9.71 -10.68
N GLY A 489 -1.21 8.96 -10.96
CA GLY A 489 -1.09 7.51 -11.09
C GLY A 489 -0.54 6.91 -9.78
N THR A 490 0.31 5.90 -9.93
CA THR A 490 1.08 5.41 -8.77
C THR A 490 2.49 5.98 -8.78
N GLU A 491 2.82 6.89 -9.68
CA GLU A 491 4.25 7.23 -9.84
C GLU A 491 4.70 8.49 -9.08
N SER A 492 3.77 9.40 -8.78
CA SER A 492 4.21 10.64 -8.13
C SER A 492 3.05 11.47 -7.58
N ILE A 493 3.44 12.50 -6.83
CA ILE A 493 2.52 13.49 -6.31
C ILE A 493 3.00 14.86 -6.77
N ARG A 494 2.12 15.66 -7.35
CA ARG A 494 2.46 17.05 -7.64
C ARG A 494 2.09 17.86 -6.42
N PHE A 495 3.04 18.58 -5.88
CA PHE A 495 2.80 19.36 -4.68
C PHE A 495 3.17 20.76 -5.07
N SER A 496 2.17 21.57 -5.42
CA SER A 496 2.37 22.82 -6.17
C SER A 496 3.27 22.60 -7.38
N GLU A 497 4.40 23.29 -7.45
CA GLU A 497 5.36 23.10 -8.54
C GLU A 497 6.39 22.01 -8.23
N GLU A 498 6.37 21.47 -7.01
CA GLU A 498 7.24 20.33 -6.69
C GLU A 498 6.62 19.00 -7.20
N THR A 499 7.49 18.05 -7.54
CA THR A 499 7.06 16.69 -7.85
C THR A 499 7.78 15.74 -6.89
N ILE A 500 7.02 14.92 -6.18
CA ILE A 500 7.56 13.92 -5.30
C ILE A 500 7.51 12.58 -6.06
N ASP A 501 8.66 12.05 -6.39
CA ASP A 501 8.75 10.79 -7.14
C ASP A 501 8.58 9.58 -6.22
N LEU A 502 7.49 8.83 -6.42
CA LEU A 502 7.20 7.63 -5.64
C LEU A 502 7.43 6.34 -6.42
N SER A 503 8.03 6.44 -7.61
CA SER A 503 8.13 5.30 -8.53
C SER A 503 9.00 4.19 -7.93
N MET A 504 9.83 4.52 -6.95
CA MET A 504 10.63 3.46 -6.33
C MET A 504 10.19 3.10 -4.90
N VAL A 505 9.04 3.60 -4.48
CA VAL A 505 8.40 3.14 -3.25
C VAL A 505 7.51 1.98 -3.64
N GLU A 506 8.10 0.79 -3.56
CA GLU A 506 7.63 -0.32 -4.33
C GLU A 506 6.42 -1.08 -3.78
N GLN A 507 6.06 -0.85 -2.54
CA GLN A 507 4.85 -1.52 -2.04
C GLN A 507 3.57 -0.67 -2.21
N ILE A 508 3.67 0.48 -2.88
CA ILE A 508 2.40 1.18 -3.36
C ILE A 508 1.80 0.36 -4.49
N VAL A 509 0.53 -0.05 -4.37
CA VAL A 509 -0.07 -0.92 -5.37
C VAL A 509 -1.32 -0.31 -6.06
N GLU A 510 -1.82 0.85 -5.62
CA GLU A 510 -3.06 1.41 -6.19
C GLU A 510 -2.94 2.90 -6.28
N GLU A 511 -3.44 3.51 -7.37
CA GLU A 511 -3.35 4.98 -7.46
C GLU A 511 -4.21 5.64 -6.37
N GLY A 512 -5.23 4.93 -5.87
CA GLY A 512 -6.00 5.43 -4.74
C GLY A 512 -5.10 5.65 -3.52
N GLN A 513 -4.00 4.89 -3.39
CA GLN A 513 -3.13 5.07 -2.22
C GLN A 513 -2.30 6.32 -2.35
N VAL A 514 -1.89 6.63 -3.58
CA VAL A 514 -1.19 7.90 -3.80
C VAL A 514 -2.13 9.09 -3.51
N ASN A 515 -3.43 8.94 -3.81
CA ASN A 515 -4.40 9.96 -3.41
C ASN A 515 -4.50 10.09 -1.89
N ALA A 516 -4.45 8.95 -1.16
CA ALA A 516 -4.47 9.04 0.31
C ALA A 516 -3.26 9.80 0.84
N ILE A 517 -2.11 9.52 0.25
CA ILE A 517 -0.88 10.17 0.63
C ILE A 517 -0.97 11.69 0.41
N ALA A 518 -1.43 12.08 -0.79
CA ALA A 518 -1.58 13.49 -1.16
C ALA A 518 -2.48 14.19 -0.16
N GLN A 519 -3.56 13.56 0.27
CA GLN A 519 -4.46 14.18 1.24
C GLN A 519 -3.67 14.47 2.53
N CYS A 520 -2.93 13.49 3.04
CA CYS A 520 -2.15 13.70 4.29
C CYS A 520 -1.13 14.82 4.14
N LEU A 521 -0.40 14.87 3.02
CA LEU A 521 0.56 15.93 2.85
C LEU A 521 -0.12 17.31 2.82
N ALA A 522 -1.26 17.41 2.12
CA ALA A 522 -2.03 18.67 2.10
C ALA A 522 -2.57 19.04 3.50
N LEU A 523 -2.99 18.04 4.28
CA LEU A 523 -3.45 18.26 5.63
C LEU A 523 -2.38 19.01 6.41
N LEU A 524 -1.12 18.57 6.27
CA LEU A 524 -0.02 19.21 6.98
C LEU A 524 0.15 20.63 6.44
N TYR A 525 0.07 20.80 5.14
CA TYR A 525 0.24 22.12 4.57
C TYR A 525 -0.89 23.05 5.07
N ASP A 526 -2.13 22.56 5.10
CA ASP A 526 -3.25 23.43 5.38
C ASP A 526 -3.43 23.69 6.87
N GLY A 527 -2.72 22.95 7.74
CA GLY A 527 -3.06 22.94 9.14
C GLY A 527 -1.98 23.66 9.91
N GLU A 528 -0.95 24.06 9.15
CA GLU A 528 0.41 24.24 9.70
C GLU A 528 0.46 25.54 10.53
N PRO A 529 1.07 25.43 11.75
CA PRO A 529 1.70 25.40 13.06
C PRO A 529 1.07 24.27 13.91
N ARG A 530 -0.11 24.55 14.48
CA ARG A 530 -0.79 23.67 15.41
C ARG A 530 -1.00 22.18 14.99
N ILE A 531 -1.21 21.92 13.70
CA ILE A 531 -1.48 20.52 13.32
C ILE A 531 -0.26 19.60 13.59
N VAL A 532 0.96 20.15 13.53
CA VAL A 532 2.15 19.27 13.76
C VAL A 532 2.18 18.64 15.16
N PRO A 533 2.21 19.47 16.23
CA PRO A 533 2.08 18.93 17.60
C PRO A 533 0.83 18.07 17.84
N GLU A 534 -0.30 18.47 17.26
CA GLU A 534 -1.51 17.66 17.44
C GLU A 534 -1.39 16.27 16.85
N MET A 535 -0.94 16.21 15.60
CA MET A 535 -0.80 14.89 15.00
C MET A 535 0.29 14.12 15.78
N THR A 536 1.30 14.83 16.29
CA THR A 536 2.43 14.14 16.91
C THR A 536 1.90 13.50 18.18
N THR A 537 1.12 14.26 18.94
CA THR A 537 0.55 13.76 20.19
C THR A 537 -0.43 12.67 19.95
N LYS A 538 -1.25 12.84 18.92
CA LYS A 538 -2.21 11.79 18.57
C LYS A 538 -1.52 10.47 18.16
N GLY A 539 -0.52 10.56 17.27
CA GLY A 539 0.16 9.36 16.80
C GLY A 539 0.96 8.71 17.93
N GLY A 540 1.59 9.54 18.76
CA GLY A 540 2.35 9.07 19.91
C GLY A 540 1.54 8.26 20.90
N ALA A 541 0.27 8.61 21.10
CA ALA A 541 -0.57 7.91 22.07
C ALA A 541 -1.15 6.63 21.51
N LEU A 542 -1.06 6.41 20.21
CA LEU A 542 -1.66 5.20 19.64
C LEU A 542 -0.90 3.95 20.01
N THR A 543 -1.62 2.91 20.41
CA THR A 543 -1.01 1.61 20.60
C THR A 543 -1.17 0.71 19.38
N GLN A 544 -2.09 1.07 18.50
CA GLN A 544 -2.41 0.29 17.32
C GLN A 544 -2.65 1.23 16.17
N LEU A 545 -2.34 0.80 14.95
CA LEU A 545 -2.68 1.58 13.74
C LEU A 545 -3.50 0.71 12.80
N PRO A 546 -4.42 1.30 12.01
CA PRO A 546 -5.17 0.57 10.97
C PRO A 546 -4.25 0.05 9.85
N SER A 547 -4.42 -1.19 9.48
CA SER A 547 -3.72 -1.78 8.33
C SER A 547 -4.48 -1.30 7.06
N PRO A 548 -3.89 -1.51 5.89
CA PRO A 548 -4.59 -1.19 4.64
C PRO A 548 -5.85 -2.04 4.47
N GLY A 549 -5.98 -3.14 5.20
CA GLY A 549 -7.20 -3.94 5.15
C GLY A 549 -8.29 -3.47 6.14
N GLY A 550 -8.05 -2.38 6.84
CA GLY A 550 -9.07 -1.81 7.71
C GLY A 550 -9.04 -2.31 9.13
N VAL A 551 -8.09 -3.17 9.46
CA VAL A 551 -8.01 -3.82 10.78
C VAL A 551 -6.96 -3.10 11.59
N CYS A 552 -7.22 -2.88 12.86
CA CYS A 552 -6.34 -2.04 13.65
C CYS A 552 -5.35 -2.92 14.46
N GLU A 553 -4.11 -3.06 13.98
CA GLU A 553 -3.12 -3.96 14.61
C GLU A 553 -2.23 -3.31 15.66
N ILE A 554 -1.71 -4.12 16.59
CA ILE A 554 -0.77 -3.65 17.63
C ILE A 554 0.63 -3.26 17.05
N GLN A 555 1.12 -2.09 17.45
CA GLN A 555 2.41 -1.60 17.00
C GLN A 555 3.54 -2.04 17.91
N ARG A 556 4.51 -2.74 17.34
CA ARG A 556 5.66 -3.23 18.08
C ARG A 556 6.86 -2.34 17.90
N GLY A 557 7.99 -2.82 18.40
CA GLY A 557 9.27 -2.21 18.13
C GLY A 557 9.44 -0.89 18.86
N LYS A 558 10.68 -0.65 19.22
CA LYS A 558 11.04 0.47 20.01
C LYS A 558 11.35 1.71 19.19
N PHE A 559 11.57 1.61 17.87
CA PHE A 559 11.95 2.81 17.12
C PHE A 559 10.79 3.85 17.20
N ASN A 560 11.07 5.11 17.45
CA ASN A 560 10.05 6.15 17.52
C ASN A 560 10.69 7.48 17.27
N SER A 561 9.92 8.46 16.81
CA SER A 561 10.39 9.81 16.69
C SER A 561 9.13 10.71 16.59
N ASN A 562 9.31 12.01 16.80
CA ASN A 562 8.22 12.94 16.60
C ASN A 562 7.70 12.85 15.14
N PHE A 563 8.61 12.77 14.19
CA PHE A 563 8.26 12.76 12.75
C PHE A 563 7.39 11.55 12.46
N SER A 564 7.78 10.35 12.92
CA SER A 564 6.99 9.19 12.63
C SER A 564 5.69 9.21 13.40
N SER A 565 5.69 9.68 14.64
CA SER A 565 4.41 9.77 15.39
C SER A 565 3.43 10.75 14.65
N MET A 566 3.96 11.87 14.19
CA MET A 566 3.18 12.83 13.45
C MET A 566 2.54 12.13 12.23
N ILE A 567 3.35 11.45 11.42
CA ILE A 567 2.83 10.64 10.28
C ILE A 567 1.78 9.63 10.71
N ALA A 568 2.01 8.90 11.81
CA ALA A 568 0.99 7.97 12.25
C ALA A 568 -0.32 8.67 12.68
N GLY A 569 -0.21 9.84 13.27
CA GLY A 569 -1.38 10.63 13.65
C GLY A 569 -2.17 11.03 12.40
N CYS A 570 -1.50 11.53 11.35
CA CYS A 570 -2.16 11.85 10.09
C CYS A 570 -2.91 10.62 9.53
N CYS A 571 -2.23 9.49 9.53
CA CYS A 571 -2.77 8.29 8.92
C CYS A 571 -4.02 7.84 9.71
N SER A 572 -3.94 7.88 11.02
CA SER A 572 -5.03 7.50 11.91
C SER A 572 -6.25 8.45 11.69
N HIS A 573 -5.97 9.74 11.61
CA HIS A 573 -6.99 10.76 11.42
C HIS A 573 -7.70 10.57 10.04
N GLN A 574 -6.93 10.27 9.01
CA GLN A 574 -7.52 9.94 7.70
C GLN A 574 -8.40 8.69 7.79
N HIS A 575 -7.95 7.69 8.54
CA HIS A 575 -8.79 6.53 8.77
C HIS A 575 -10.09 6.92 9.50
N ASP A 576 -10.03 7.76 10.55
CA ASP A 576 -11.24 8.18 11.27
C ASP A 576 -12.20 8.91 10.31
N LYS A 577 -11.66 9.59 9.28
CA LYS A 577 -12.46 10.36 8.34
C LYS A 577 -12.84 9.52 7.10
N ARG A 578 -12.75 8.19 7.22
CA ARG A 578 -13.12 7.26 6.14
C ARG A 578 -12.42 7.56 4.81
N LEU A 579 -11.13 7.87 4.90
CA LEU A 579 -10.28 8.12 3.74
C LEU A 579 -10.66 9.35 2.91
N GLU A 580 -11.40 10.28 3.50
CA GLU A 580 -11.69 11.49 2.77
C GLU A 580 -11.45 12.66 3.71
N LEU A 581 -10.26 13.25 3.66
CA LEU A 581 -9.94 14.34 4.57
C LEU A 581 -10.62 15.68 4.16
N ARG A 582 -10.77 15.93 2.86
CA ARG A 582 -11.42 17.18 2.40
C ARG A 582 -10.68 18.43 2.89
N THR A 583 -9.38 18.42 2.75
CA THR A 583 -8.59 19.54 3.16
C THR A 583 -8.49 20.45 1.93
N PRO A 584 -8.41 21.80 2.12
CA PRO A 584 -8.37 22.81 1.05
C PRO A 584 -7.37 22.60 -0.05
N SER A 585 -6.17 22.15 0.22
CA SER A 585 -5.16 22.13 -0.84
C SER A 585 -5.17 20.76 -1.60
N CYS A 586 -6.03 19.83 -1.19
CA CYS A 586 -6.11 18.55 -1.94
C CYS A 586 -7.56 18.24 -2.23
N TYR A 587 -8.05 18.72 -3.37
CA TYR A 587 -9.42 18.49 -3.76
C TYR A 587 -9.49 17.18 -4.60
N LEU A 588 -10.23 16.19 -4.15
CA LEU A 588 -10.36 14.94 -4.92
C LEU A 588 -11.84 14.68 -5.10
N PRO A 589 -12.20 14.08 -6.22
CA PRO A 589 -13.57 13.55 -6.29
C PRO A 589 -13.74 12.49 -5.22
N ARG A 590 -14.89 12.40 -4.61
CA ARG A 590 -15.15 11.39 -3.60
C ARG A 590 -15.13 9.99 -4.17
N GLY A 591 -14.59 9.02 -3.39
CA GLY A 591 -14.59 7.64 -3.77
C GLY A 591 -13.37 7.21 -4.57
N PHE A 592 -12.30 8.01 -4.56
CA PHE A 592 -11.09 7.63 -5.29
C PHE A 592 -9.84 7.47 -4.41
N THR A 593 -10.05 7.13 -3.16
CA THR A 593 -8.94 6.97 -2.22
C THR A 593 -8.88 5.54 -1.66
N SER A 594 -7.64 5.03 -1.48
CA SER A 594 -7.40 3.65 -0.95
C SER A 594 -6.39 3.72 0.24
N ALA A 595 -6.64 2.89 1.24
CA ALA A 595 -5.83 2.89 2.47
C ALA A 595 -4.38 2.51 2.16
N THR A 596 -3.49 3.17 2.90
CA THR A 596 -2.07 2.93 2.78
C THR A 596 -1.51 3.00 4.22
N ARG A 597 -0.42 2.29 4.48
CA ARG A 597 0.25 2.35 5.79
C ARG A 597 0.81 3.71 6.06
N HIS A 598 0.94 4.08 7.33
CA HIS A 598 1.62 5.31 7.65
C HIS A 598 3.07 5.25 7.11
N ILE A 599 3.61 4.05 6.99
CA ILE A 599 4.99 3.91 6.40
C ILE A 599 5.11 4.59 5.02
N GLU A 600 4.16 4.30 4.11
CA GLU A 600 4.22 4.90 2.74
C GLU A 600 3.93 6.42 2.78
N ILE A 601 3.09 6.88 3.71
CA ILE A 601 2.87 8.31 3.81
C ILE A 601 4.21 8.94 4.25
N GLY A 602 4.93 8.33 5.23
CA GLY A 602 6.20 8.95 5.63
C GLY A 602 7.24 8.87 4.51
N ALA A 603 7.20 7.78 3.74
CA ALA A 603 8.14 7.59 2.62
C ALA A 603 7.98 8.76 1.65
N ALA A 604 6.72 9.17 1.41
CA ALA A 604 6.50 10.26 0.50
C ALA A 604 7.02 11.58 1.05
N LEU A 605 6.74 11.85 2.31
CA LEU A 605 7.21 13.13 2.89
C LEU A 605 8.76 13.16 2.93
N ASN A 606 9.38 12.00 3.21
CA ASN A 606 10.85 11.91 3.24
C ASN A 606 11.50 12.37 1.93
N ARG A 607 10.75 12.26 0.84
CA ARG A 607 11.26 12.47 -0.53
C ARG A 607 10.92 13.85 -1.07
N LEU A 608 10.13 14.61 -0.31
CA LEU A 608 9.81 15.98 -0.75
C LEU A 608 11.09 16.81 -0.81
N ARG A 609 11.38 17.40 -1.95
CA ARG A 609 12.67 18.02 -2.09
C ARG A 609 12.88 19.26 -1.21
N THR A 610 11.81 19.95 -0.80
CA THR A 610 11.97 21.08 0.13
C THR A 610 11.88 20.69 1.58
N LEU A 611 11.73 19.38 1.86
CA LEU A 611 11.62 18.91 3.24
C LEU A 611 12.68 19.57 4.14
N ARG A 612 12.25 19.97 5.34
CA ARG A 612 13.15 20.37 6.43
C ARG A 612 12.72 19.71 7.69
N THR A 613 13.66 19.06 8.38
CA THR A 613 13.37 18.47 9.67
C THR A 613 14.37 19.08 10.68
N VAL A 614 14.12 18.92 11.97
CA VAL A 614 15.00 19.54 12.96
C VAL A 614 15.08 18.59 14.11
N THR A 615 16.17 18.68 14.88
CA THR A 615 16.24 18.00 16.16
C THR A 615 15.67 18.93 17.23
PB ADP B . 15.61 -13.79 -10.74
O1B ADP B . 16.47 -13.15 -11.82
O2B ADP B . 16.17 -15.04 -10.04
O3B ADP B . 15.06 -12.71 -9.82
PA ADP B . 12.81 -14.05 -11.58
O1A ADP B . 12.84 -12.68 -12.21
O2A ADP B . 12.46 -14.48 -10.20
O3A ADP B . 14.36 -14.55 -11.48
O5' ADP B . 11.99 -14.94 -12.68
C5' ADP B . 12.38 -14.96 -14.06
C4' ADP B . 11.20 -15.36 -14.95
O4' ADP B . 10.73 -16.68 -14.57
C3' ADP B . 10.04 -14.38 -14.77
O3' ADP B . 9.45 -13.98 -16.03
C2' ADP B . 9.01 -15.13 -13.94
O2' ADP B . 7.70 -14.73 -14.29
C1' ADP B . 9.33 -16.62 -14.22
N9 ADP B . 8.95 -17.41 -13.01
C8 ADP B . 9.31 -17.20 -11.72
N7 ADP B . 8.76 -18.13 -10.89
C5 ADP B . 8.00 -18.95 -11.67
C6 ADP B . 7.11 -20.14 -11.46
N6 ADP B . 6.89 -20.67 -10.22
N1 ADP B . 6.54 -20.68 -12.58
C2 ADP B . 6.72 -20.19 -13.84
N3 ADP B . 7.49 -19.12 -14.08
C4 ADP B . 8.14 -18.47 -13.07
H5'1 ADP B . 12.72 -13.96 -14.35
H5'2 ADP B . 13.20 -15.66 -14.20
H4' ADP B . 11.52 -15.37 -16.00
H3' ADP B . 10.39 -13.49 -14.21
HO3' ADP B . 8.73 -13.35 -15.86
H2' ADP B . 9.20 -14.92 -12.88
HO2' ADP B . 7.59 -13.78 -14.12
H1' ADP B . 8.73 -16.95 -15.08
H8 ADP B . 9.98 -16.40 -11.39
HN61 ADP B . 6.31 -21.49 -10.12
HN62 ADP B . 7.34 -20.27 -9.41
H2 ADP B . 6.21 -20.68 -14.66
MG MG C . 16.43 -10.69 -10.35
MG MG D . 12.87 7.31 -12.64
#